data_6VVG
#
_entry.id   6VVG
#
_cell.length_a   41.937
_cell.length_b   115.370
_cell.length_c   119.395
_cell.angle_alpha   90.000
_cell.angle_beta   90.000
_cell.angle_gamma   90.000
#
_symmetry.space_group_name_H-M   'P 21 21 21'
#
loop_
_entity.id
_entity.type
_entity.pdbx_description
1 polymer 'Arginine kinase'
2 non-polymer 'ADENOSINE MONOPHOSPHATE'
3 water water
#
_entity_poly.entity_id   1
_entity_poly.type   'polypeptide(L)'
_entity_poly.pdbx_seq_one_letter_code
;MNPSKSISRVAQELSKYEILKKLDESDTESYSSVYLCKKKGEHKRFVCKIVKPSTFNSLEFDVHILMRNNPNFIKLHNFV
FNDNGESLLIMDYVSDGDLFDFVKMNDTRELRLNEAACKKIIITLVTALNDLHKNNIVHNDVKLENLLYDRKKKRLFVCD
YGLSRIVGTPSFYDGTTVYFSPEKIRHEAYQTSFDWWAVGVVAYEILSTEYPFDINEDNEEEMDAIEPKDMLPLYSKPLP
TIEHVSKKANDFVRRMLALDINSRLSTYDEIIKHPFLCF
;
_entity_poly.pdbx_strand_id   A,B
#
# COMPACT_ATOMS: atom_id res chain seq x y z
N PRO A 3 -0.22 27.27 -3.00
CA PRO A 3 -0.36 28.73 -3.03
C PRO A 3 -0.39 29.37 -1.64
N SER A 4 -0.37 28.53 -0.61
CA SER A 4 -0.50 28.86 0.80
C SER A 4 -1.96 29.11 1.20
N LYS A 5 -2.90 29.20 0.25
CA LYS A 5 -4.32 29.17 0.61
C LYS A 5 -4.78 27.73 0.80
N SER A 6 -4.11 26.78 0.13
CA SER A 6 -4.43 25.38 0.31
C SER A 6 -4.34 24.99 1.78
N ILE A 7 -3.23 25.33 2.43
CA ILE A 7 -3.04 24.97 3.84
C ILE A 7 -4.22 25.46 4.67
N SER A 8 -4.50 26.76 4.59
CA SER A 8 -5.57 27.32 5.41
C SER A 8 -6.94 26.85 4.94
N ARG A 9 -7.10 26.47 3.68
CA ARG A 9 -8.35 25.87 3.23
C ARG A 9 -8.55 24.49 3.87
N VAL A 10 -7.47 23.73 3.98
CA VAL A 10 -7.52 22.47 4.71
C VAL A 10 -8.01 22.72 6.13
N ALA A 11 -7.45 23.71 6.80
CA ALA A 11 -7.89 24.07 8.15
C ALA A 11 -9.31 24.61 8.14
N GLN A 12 -9.66 25.32 7.07
CA GLN A 12 -11.01 25.85 6.97
C GLN A 12 -12.02 24.73 6.71
N GLU A 13 -11.74 23.87 5.71
CA GLU A 13 -12.67 22.79 5.40
C GLU A 13 -12.86 21.87 6.59
N LEU A 14 -11.75 21.30 7.08
CA LEU A 14 -11.83 20.35 8.18
C LEU A 14 -12.19 20.98 9.51
N SER A 15 -12.42 22.30 9.54
CA SER A 15 -12.96 22.97 10.72
C SER A 15 -14.49 23.05 10.70
N LYS A 16 -15.12 22.60 9.61
CA LYS A 16 -16.57 22.62 9.53
C LYS A 16 -17.21 21.44 10.24
N TYR A 17 -16.45 20.39 10.52
CA TYR A 17 -17.01 19.16 11.06
C TYR A 17 -17.21 19.27 12.57
N GLU A 18 -18.36 18.79 13.04
CA GLU A 18 -18.74 18.81 14.45
C GLU A 18 -19.13 17.40 14.87
N ILE A 19 -18.77 17.05 16.10
CA ILE A 19 -18.87 15.68 16.58
C ILE A 19 -20.23 15.47 17.25
N LEU A 20 -20.95 14.44 16.81
CA LEU A 20 -22.28 14.14 17.34
C LEU A 20 -22.29 13.06 18.39
N LYS A 21 -21.53 11.98 18.21
CA LYS A 21 -21.48 10.92 19.20
C LYS A 21 -20.32 9.99 18.88
N LYS A 22 -19.97 9.17 19.87
CA LYS A 22 -19.00 8.08 19.72
C LYS A 22 -19.77 6.84 19.29
N LEU A 23 -19.32 6.21 18.20
CA LEU A 23 -20.07 5.12 17.59
C LEU A 23 -19.59 3.74 18.00
N ASP A 24 -18.32 3.59 18.36
CA ASP A 24 -17.74 2.29 18.65
C ASP A 24 -17.69 2.07 20.16
N GLU A 25 -17.03 0.97 20.56
CA GLU A 25 -16.88 0.65 21.97
C GLU A 25 -15.44 0.92 22.41
N SER A 30 -7.31 1.63 22.80
CA SER A 30 -7.50 1.15 21.43
C SER A 30 -6.79 2.05 20.43
N TYR A 31 -6.37 1.45 19.31
CA TYR A 31 -5.63 2.19 18.30
C TYR A 31 -6.48 3.29 17.66
N SER A 32 -7.79 3.07 17.56
CA SER A 32 -8.67 3.97 16.84
C SER A 32 -9.95 4.15 17.65
N SER A 33 -10.66 5.23 17.33
CA SER A 33 -12.01 5.48 17.83
C SER A 33 -12.81 6.16 16.73
N VAL A 34 -14.08 5.79 16.62
CA VAL A 34 -14.92 6.19 15.50
C VAL A 34 -16.09 7.01 16.03
N TYR A 35 -16.36 8.14 15.37
CA TYR A 35 -17.37 9.08 15.82
C TYR A 35 -18.30 9.46 14.69
N LEU A 36 -19.55 9.76 15.06
CA LEU A 36 -20.51 10.36 14.13
C LEU A 36 -20.22 11.86 14.02
N CYS A 37 -20.12 12.35 12.78
CA CYS A 37 -19.74 13.72 12.52
C CYS A 37 -20.78 14.39 11.65
N LYS A 38 -20.64 15.71 11.51
CA LYS A 38 -21.56 16.50 10.70
C LYS A 38 -20.96 17.87 10.44
N LYS A 39 -21.16 18.38 9.23
CA LYS A 39 -20.82 19.77 8.93
C LYS A 39 -21.85 20.70 9.58
N LYS A 40 -21.36 21.77 10.20
CA LYS A 40 -22.26 22.69 10.88
C LYS A 40 -23.32 23.22 9.92
N GLY A 41 -24.58 23.11 10.33
CA GLY A 41 -25.68 23.59 9.51
C GLY A 41 -26.02 22.73 8.31
N GLU A 42 -25.34 21.60 8.12
CA GLU A 42 -25.57 20.73 6.98
C GLU A 42 -26.04 19.37 7.46
N HIS A 43 -26.85 18.72 6.62
CA HIS A 43 -27.60 17.56 7.08
C HIS A 43 -26.75 16.30 7.14
N LYS A 44 -26.01 16.01 6.07
CA LYS A 44 -25.42 14.69 5.89
C LYS A 44 -24.58 14.29 7.10
N ARG A 45 -24.76 13.03 7.51
CA ARG A 45 -23.93 12.44 8.56
C ARG A 45 -22.72 11.77 7.93
N PHE A 46 -21.56 11.95 8.55
CA PHE A 46 -20.34 11.27 8.15
C PHE A 46 -19.81 10.47 9.33
N VAL A 47 -18.73 9.74 9.09
CA VAL A 47 -18.01 9.01 10.12
C VAL A 47 -16.59 9.54 10.18
N CYS A 48 -16.16 10.05 11.35
CA CYS A 48 -14.80 10.52 11.54
C CYS A 48 -14.06 9.55 12.45
N LYS A 49 -12.98 8.95 11.93
CA LYS A 49 -12.17 7.96 12.63
C LYS A 49 -10.86 8.62 13.02
N ILE A 50 -10.57 8.63 14.32
CA ILE A 50 -9.37 9.23 14.87
C ILE A 50 -8.41 8.11 15.24
N VAL A 51 -7.20 8.14 14.68
CA VAL A 51 -6.21 7.09 14.91
C VAL A 51 -5.07 7.67 15.75
N LYS A 52 -4.59 6.86 16.69
CA LYS A 52 -3.56 7.30 17.62
C LYS A 52 -2.24 7.56 16.88
N PRO A 53 -1.37 8.40 17.43
CA PRO A 53 -0.05 8.58 16.83
C PRO A 53 0.75 7.29 16.79
N SER A 54 1.50 7.11 15.70
CA SER A 54 2.43 6.00 15.54
C SER A 54 1.73 4.65 15.53
N THR A 55 0.47 4.62 15.10
CA THR A 55 -0.24 3.35 14.95
C THR A 55 -0.86 3.16 13.58
N PHE A 56 -0.74 4.13 12.68
CA PHE A 56 -1.50 4.07 11.44
C PHE A 56 -0.92 3.05 10.48
N ASN A 57 -1.80 2.24 9.88
CA ASN A 57 -1.46 1.36 8.76
C ASN A 57 -1.73 2.14 7.48
N SER A 58 -0.66 2.56 6.80
CA SER A 58 -0.82 3.43 5.64
C SER A 58 -1.67 2.79 4.55
N LEU A 59 -1.69 1.46 4.49
CA LEU A 59 -2.48 0.78 3.46
C LEU A 59 -3.97 1.04 3.62
N GLU A 60 -4.42 1.42 4.82
CA GLU A 60 -5.83 1.73 5.01
C GLU A 60 -6.26 2.86 4.06
N PHE A 61 -5.39 3.83 3.83
CA PHE A 61 -5.69 4.89 2.88
C PHE A 61 -5.86 4.34 1.47
N ASP A 62 -4.96 3.45 1.05
CA ASP A 62 -5.01 2.92 -0.31
C ASP A 62 -6.32 2.20 -0.58
N VAL A 63 -6.79 1.39 0.39
CA VAL A 63 -8.00 0.61 0.16
C VAL A 63 -9.18 1.53 -0.15
N HIS A 64 -9.33 2.59 0.64
CA HIS A 64 -10.39 3.55 0.37
C HIS A 64 -10.27 4.09 -1.06
N ILE A 65 -9.08 4.56 -1.42
CA ILE A 65 -8.88 5.18 -2.72
C ILE A 65 -9.07 4.15 -3.84
N LEU A 66 -8.36 3.02 -3.74
CA LEU A 66 -8.42 2.02 -4.80
C LEU A 66 -9.86 1.58 -5.06
N MET A 67 -10.66 1.48 -4.00
CA MET A 67 -12.03 0.98 -4.11
C MET A 67 -13.06 2.11 -4.13
N ARG A 68 -12.63 3.33 -4.49
CA ARG A 68 -13.54 4.46 -4.44
C ARG A 68 -14.82 4.21 -5.24
N ASN A 69 -14.71 3.56 -6.39
CA ASN A 69 -15.83 3.39 -7.30
C ASN A 69 -16.53 2.04 -7.13
N ASN A 70 -16.22 1.29 -6.08
CA ASN A 70 -16.89 0.03 -5.81
C ASN A 70 -18.01 0.29 -4.82
N PRO A 71 -19.26 -0.07 -5.13
CA PRO A 71 -20.37 0.29 -4.22
C PRO A 71 -20.33 -0.43 -2.89
N ASN A 72 -19.50 -1.45 -2.72
CA ASN A 72 -19.47 -2.23 -1.49
C ASN A 72 -18.32 -1.85 -0.57
N PHE A 73 -17.57 -0.80 -0.90
CA PHE A 73 -16.56 -0.21 -0.03
C PHE A 73 -17.00 1.21 0.33
N ILE A 74 -16.26 1.83 1.25
CA ILE A 74 -16.66 3.08 1.87
C ILE A 74 -15.80 4.22 1.35
N LYS A 75 -16.44 5.26 0.85
CA LYS A 75 -15.71 6.37 0.25
C LYS A 75 -15.04 7.21 1.33
N LEU A 76 -13.79 7.60 1.07
CA LEU A 76 -13.03 8.47 1.96
C LEU A 76 -13.11 9.89 1.43
N HIS A 77 -13.62 10.82 2.26
CA HIS A 77 -13.81 12.19 1.83
C HIS A 77 -12.63 13.08 2.21
N ASN A 78 -12.14 12.95 3.44
CA ASN A 78 -10.97 13.69 3.88
C ASN A 78 -10.08 12.78 4.71
N PHE A 79 -8.79 13.11 4.76
CA PHE A 79 -7.83 12.33 5.51
C PHE A 79 -6.65 13.22 5.83
N VAL A 80 -6.31 13.32 7.12
CA VAL A 80 -5.18 14.12 7.59
C VAL A 80 -4.32 13.20 8.43
N PHE A 81 -3.09 12.94 7.96
CA PHE A 81 -2.12 12.16 8.73
C PHE A 81 -1.12 13.12 9.35
N ASN A 82 -0.80 12.89 10.63
CA ASN A 82 0.23 13.64 11.34
C ASN A 82 1.22 12.66 11.95
N ASP A 83 2.51 12.84 11.66
CA ASP A 83 3.52 11.97 12.26
C ASP A 83 3.53 12.08 13.78
N ASN A 84 3.37 13.30 14.30
CA ASN A 84 3.51 13.57 15.72
C ASN A 84 2.16 13.86 16.37
N GLY A 85 1.13 13.12 15.98
CA GLY A 85 -0.17 13.33 16.58
C GLY A 85 -1.23 12.40 16.02
N GLU A 86 -2.48 12.84 16.15
CA GLU A 86 -3.62 12.07 15.68
C GLU A 86 -3.83 12.28 14.20
N SER A 87 -4.39 11.27 13.55
CA SER A 87 -4.76 11.33 12.14
C SER A 87 -6.24 11.06 11.99
N LEU A 88 -6.85 11.75 11.02
CA LEU A 88 -8.29 11.74 10.84
C LEU A 88 -8.67 11.10 9.51
N LEU A 89 -9.70 10.27 9.52
CA LEU A 89 -10.35 9.79 8.31
C LEU A 89 -11.83 10.16 8.38
N ILE A 90 -12.28 10.97 7.44
CA ILE A 90 -13.69 11.36 7.36
C ILE A 90 -14.30 10.62 6.19
N MET A 91 -15.25 9.73 6.48
CA MET A 91 -15.81 8.81 5.51
C MET A 91 -17.34 8.87 5.58
N ASP A 92 -17.97 8.25 4.59
CA ASP A 92 -19.42 8.18 4.57
C ASP A 92 -19.92 7.36 5.76
N TYR A 93 -21.12 7.72 6.24
CA TYR A 93 -21.93 6.83 7.08
C TYR A 93 -22.83 6.04 6.14
N VAL A 94 -22.69 4.71 6.13
CA VAL A 94 -23.41 3.88 5.19
C VAL A 94 -24.52 3.06 5.84
N SER A 95 -24.35 2.63 7.10
CA SER A 95 -25.36 1.79 7.72
C SER A 95 -25.12 1.74 9.22
N ASP A 96 -26.21 1.48 9.95
CA ASP A 96 -26.16 1.33 11.40
C ASP A 96 -25.92 -0.12 11.83
N GLY A 97 -26.07 -1.09 10.94
CA GLY A 97 -26.03 -2.49 11.30
C GLY A 97 -24.86 -3.23 10.66
N ASP A 98 -24.68 -4.48 11.10
CA ASP A 98 -23.66 -5.35 10.53
C ASP A 98 -24.15 -6.78 10.66
N LEU A 99 -23.39 -7.71 10.08
CA LEU A 99 -23.83 -9.10 10.05
C LEU A 99 -23.89 -9.71 11.44
N PHE A 100 -23.09 -9.21 12.38
CA PHE A 100 -23.16 -9.74 13.74
C PHE A 100 -24.52 -9.47 14.37
N ASP A 101 -25.13 -8.32 14.04
CA ASP A 101 -26.45 -8.01 14.58
C ASP A 101 -27.46 -9.09 14.22
N PHE A 102 -27.26 -9.78 13.11
CA PHE A 102 -28.22 -10.76 12.63
C PHE A 102 -28.00 -12.15 13.20
N VAL A 103 -26.93 -12.36 13.97
CA VAL A 103 -26.65 -13.65 14.58
C VAL A 103 -26.49 -13.58 16.09
N LYS A 104 -26.41 -12.38 16.66
CA LYS A 104 -26.16 -12.25 18.08
C LYS A 104 -27.31 -12.80 18.91
N MET A 105 -27.01 -13.06 20.19
CA MET A 105 -28.00 -13.66 21.09
C MET A 105 -29.10 -12.67 21.45
N ASN A 106 -28.75 -11.42 21.69
CA ASN A 106 -29.72 -10.38 22.06
C ASN A 106 -30.36 -9.84 20.79
N ASP A 107 -31.46 -10.46 20.37
CA ASP A 107 -32.14 -10.09 19.13
C ASP A 107 -33.54 -9.60 19.47
N THR A 108 -33.64 -8.32 19.83
CA THR A 108 -34.93 -7.72 20.17
C THR A 108 -35.70 -7.29 18.93
N ARG A 109 -35.02 -7.11 17.80
CA ARG A 109 -35.63 -6.58 16.59
C ARG A 109 -35.98 -7.67 15.58
N GLU A 110 -35.95 -8.93 15.99
CA GLU A 110 -36.38 -10.04 15.14
C GLU A 110 -35.58 -10.09 13.84
N LEU A 111 -34.28 -9.81 13.94
CA LEU A 111 -33.41 -9.87 12.77
C LEU A 111 -33.12 -11.31 12.40
N ARG A 112 -33.28 -11.64 11.12
CA ARG A 112 -32.90 -12.96 10.64
C ARG A 112 -32.42 -12.88 9.20
N LEU A 113 -31.51 -13.78 8.84
CA LEU A 113 -31.01 -13.92 7.48
C LEU A 113 -31.33 -15.34 7.03
N ASN A 114 -32.23 -15.48 6.06
CA ASN A 114 -32.52 -16.80 5.50
C ASN A 114 -31.45 -17.17 4.47
N GLU A 115 -31.56 -18.38 3.93
CA GLU A 115 -30.54 -18.87 3.01
C GLU A 115 -30.36 -17.93 1.82
N ALA A 116 -31.46 -17.46 1.23
CA ALA A 116 -31.36 -16.58 0.08
C ALA A 116 -30.60 -15.31 0.41
N ALA A 117 -30.86 -14.74 1.60
CA ALA A 117 -30.15 -13.53 2.01
C ALA A 117 -28.67 -13.81 2.19
N CYS A 118 -28.32 -14.98 2.73
CA CYS A 118 -26.91 -15.32 2.89
C CYS A 118 -26.23 -15.51 1.55
N LYS A 119 -26.91 -16.17 0.61
CA LYS A 119 -26.36 -16.36 -0.73
C LYS A 119 -26.00 -15.01 -1.36
N LYS A 120 -26.94 -14.07 -1.33
CA LYS A 120 -26.69 -12.77 -1.93
C LYS A 120 -25.54 -12.04 -1.25
N ILE A 121 -25.51 -12.06 0.09
CA ILE A 121 -24.43 -11.41 0.82
C ILE A 121 -23.09 -12.01 0.44
N ILE A 122 -23.03 -13.34 0.37
CA ILE A 122 -21.76 -14.01 0.11
C ILE A 122 -21.28 -13.71 -1.30
N ILE A 123 -22.18 -13.70 -2.28
CA ILE A 123 -21.79 -13.36 -3.65
C ILE A 123 -21.19 -11.96 -3.67
N THR A 124 -21.87 -11.01 -3.04
CA THR A 124 -21.38 -9.64 -3.00
C THR A 124 -20.02 -9.56 -2.31
N LEU A 125 -19.90 -10.22 -1.14
CA LEU A 125 -18.64 -10.17 -0.40
C LEU A 125 -17.50 -10.74 -1.21
N VAL A 126 -17.71 -11.91 -1.84
CA VAL A 126 -16.67 -12.54 -2.63
C VAL A 126 -16.27 -11.64 -3.79
N THR A 127 -17.27 -11.09 -4.48
CA THR A 127 -16.99 -10.21 -5.61
C THR A 127 -16.23 -8.97 -5.18
N ALA A 128 -16.64 -8.37 -4.06
CA ALA A 128 -15.98 -7.16 -3.59
C ALA A 128 -14.54 -7.45 -3.18
N LEU A 129 -14.33 -8.51 -2.40
CA LEU A 129 -12.97 -8.84 -1.99
C LEU A 129 -12.10 -9.18 -3.19
N ASN A 130 -12.66 -9.85 -4.20
CA ASN A 130 -11.90 -10.13 -5.41
C ASN A 130 -11.45 -8.84 -6.07
N ASP A 131 -12.35 -7.86 -6.17
CA ASP A 131 -11.99 -6.57 -6.75
CA ASP A 131 -11.99 -6.57 -6.75
C ASP A 131 -10.80 -5.95 -5.99
N LEU A 132 -10.85 -6.00 -4.66
CA LEU A 132 -9.71 -5.52 -3.88
C LEU A 132 -8.45 -6.31 -4.21
N HIS A 133 -8.58 -7.63 -4.31
CA HIS A 133 -7.43 -8.50 -4.52
C HIS A 133 -6.72 -8.23 -5.84
N LYS A 134 -7.42 -7.70 -6.85
CA LYS A 134 -6.75 -7.38 -8.10
C LYS A 134 -5.60 -6.40 -7.91
N ASN A 135 -5.60 -5.65 -6.80
CA ASN A 135 -4.53 -4.73 -6.45
C ASN A 135 -3.40 -5.40 -5.67
N ASN A 136 -3.48 -6.72 -5.47
CA ASN A 136 -2.53 -7.45 -4.63
C ASN A 136 -2.53 -6.92 -3.21
N ILE A 137 -3.72 -6.62 -2.70
CA ILE A 137 -3.95 -6.24 -1.32
C ILE A 137 -5.02 -7.17 -0.75
N VAL A 138 -4.84 -7.58 0.50
CA VAL A 138 -5.83 -8.39 1.20
C VAL A 138 -6.41 -7.55 2.34
N HIS A 139 -7.69 -7.79 2.64
CA HIS A 139 -8.34 -7.04 3.71
C HIS A 139 -7.79 -7.46 5.07
N ASN A 140 -7.71 -8.76 5.32
CA ASN A 140 -7.00 -9.36 6.44
C ASN A 140 -7.69 -9.18 7.79
N ASP A 141 -8.89 -8.59 7.86
CA ASP A 141 -9.67 -8.67 9.09
C ASP A 141 -11.17 -8.85 8.76
N VAL A 142 -11.49 -9.61 7.71
CA VAL A 142 -12.88 -9.90 7.37
C VAL A 142 -13.55 -10.62 8.54
N LYS A 143 -14.65 -10.07 9.03
CA LYS A 143 -15.45 -10.69 10.08
C LYS A 143 -16.80 -9.99 10.12
N LEU A 144 -17.73 -10.58 10.88
CA LEU A 144 -19.09 -10.06 10.94
C LEU A 144 -19.12 -8.58 11.26
N GLU A 145 -18.32 -8.16 12.24
CA GLU A 145 -18.36 -6.79 12.71
C GLU A 145 -17.84 -5.79 11.68
N ASN A 146 -17.12 -6.25 10.66
CA ASN A 146 -16.60 -5.37 9.62
C ASN A 146 -17.40 -5.48 8.32
N LEU A 147 -18.58 -6.08 8.36
CA LEU A 147 -19.46 -6.22 7.20
C LEU A 147 -20.78 -5.54 7.55
N LEU A 148 -20.89 -4.26 7.21
CA LEU A 148 -22.07 -3.48 7.53
C LEU A 148 -23.23 -3.86 6.61
N TYR A 149 -24.42 -3.92 7.17
CA TYR A 149 -25.61 -4.42 6.49
C TYR A 149 -26.83 -4.11 7.35
N ASP A 150 -27.91 -3.65 6.71
CA ASP A 150 -29.18 -3.42 7.38
C ASP A 150 -30.29 -3.96 6.48
N ARG A 151 -31.42 -4.28 7.09
CA ARG A 151 -32.48 -4.96 6.36
C ARG A 151 -33.35 -4.03 5.54
N LYS A 152 -33.01 -2.75 5.49
CA LYS A 152 -33.70 -1.83 4.60
C LYS A 152 -32.93 -1.55 3.30
N LYS A 153 -31.67 -1.13 3.40
CA LYS A 153 -30.82 -1.03 2.22
C LYS A 153 -30.48 -2.41 1.66
N LYS A 154 -30.22 -3.38 2.54
CA LYS A 154 -29.73 -4.69 2.12
C LYS A 154 -28.48 -4.55 1.27
N ARG A 155 -27.66 -3.56 1.59
CA ARG A 155 -26.40 -3.30 0.90
C ARG A 155 -25.25 -3.68 1.83
N LEU A 156 -24.33 -4.48 1.32
CA LEU A 156 -23.17 -4.92 2.09
C LEU A 156 -22.02 -3.94 1.88
N PHE A 157 -21.47 -3.45 2.98
CA PHE A 157 -20.29 -2.60 2.96
C PHE A 157 -19.17 -3.27 3.73
N VAL A 158 -18.05 -3.51 3.06
CA VAL A 158 -16.81 -3.92 3.73
C VAL A 158 -16.18 -2.68 4.35
N CYS A 159 -15.74 -2.78 5.61
CA CYS A 159 -15.19 -1.63 6.31
C CYS A 159 -13.97 -2.04 7.13
N ASP A 160 -13.34 -1.02 7.71
CA ASP A 160 -12.15 -1.15 8.57
C ASP A 160 -10.99 -1.82 7.82
N TYR A 161 -10.40 -1.05 6.91
CA TYR A 161 -9.21 -1.46 6.18
C TYR A 161 -7.92 -1.25 6.97
N GLY A 162 -8.00 -1.14 8.30
CA GLY A 162 -6.84 -0.82 9.11
C GLY A 162 -5.85 -1.94 9.27
N LEU A 163 -6.24 -3.18 8.97
CA LEU A 163 -5.34 -4.32 9.03
C LEU A 163 -4.98 -4.84 7.64
N SER A 164 -5.29 -4.09 6.59
CA SER A 164 -5.03 -4.55 5.24
CA SER A 164 -5.03 -4.53 5.23
C SER A 164 -3.53 -4.67 4.99
N ARG A 165 -3.18 -5.61 4.11
CA ARG A 165 -1.78 -5.93 3.86
C ARG A 165 -1.51 -6.18 2.39
N ILE A 166 -0.24 -6.03 2.01
CA ILE A 166 0.20 -6.30 0.64
C ILE A 166 0.46 -7.79 0.50
N VAL A 167 -0.04 -8.38 -0.59
CA VAL A 167 0.16 -9.80 -0.84
C VAL A 167 1.65 -10.11 -0.91
N GLY A 168 2.07 -11.16 -0.20
CA GLY A 168 3.42 -11.65 -0.27
C GLY A 168 4.34 -11.22 0.85
N THR A 169 3.92 -10.29 1.70
CA THR A 169 4.75 -9.82 2.79
C THR A 169 4.65 -10.75 3.99
N PRO A 170 5.65 -10.75 4.87
CA PRO A 170 5.61 -11.63 6.04
C PRO A 170 4.43 -11.29 6.94
N SER A 171 3.73 -12.31 7.40
CA SER A 171 2.56 -12.11 8.23
C SER A 171 2.92 -12.17 9.71
N PHE A 172 2.05 -11.56 10.52
CA PHE A 172 2.12 -11.64 11.97
C PHE A 172 0.68 -11.76 12.48
N TYR A 173 0.55 -12.00 13.78
CA TYR A 173 -0.74 -12.33 14.38
C TYR A 173 -1.56 -11.07 14.68
N ASP A 174 -1.88 -10.34 13.61
CA ASP A 174 -2.81 -9.23 13.71
C ASP A 174 -4.23 -9.69 13.39
N GLY A 175 -5.21 -8.96 13.89
CA GLY A 175 -6.59 -9.31 13.66
C GLY A 175 -7.14 -10.22 14.74
N THR A 176 -8.20 -10.94 14.38
CA THR A 176 -8.95 -11.75 15.34
C THR A 176 -8.61 -13.22 15.18
N THR A 177 -8.10 -13.82 16.25
CA THR A 177 -7.55 -15.17 16.19
C THR A 177 -8.55 -16.16 15.64
N VAL A 178 -9.82 -16.05 16.01
CA VAL A 178 -10.78 -17.09 15.69
C VAL A 178 -11.19 -17.05 14.22
N TYR A 179 -10.68 -16.07 13.48
CA TYR A 179 -10.85 -16.03 12.04
C TYR A 179 -9.57 -16.40 11.30
N PHE A 180 -8.53 -16.81 12.01
CA PHE A 180 -7.24 -17.11 11.38
C PHE A 180 -7.32 -18.39 10.57
N SER A 181 -6.87 -18.33 9.32
CA SER A 181 -6.76 -19.54 8.51
C SER A 181 -5.59 -20.40 8.98
N PRO A 182 -5.59 -21.69 8.62
CA PRO A 182 -4.42 -22.53 8.97
C PRO A 182 -3.11 -21.89 8.52
N GLU A 183 -3.12 -21.26 7.34
CA GLU A 183 -1.89 -20.68 6.80
C GLU A 183 -1.45 -19.46 7.60
N LYS A 184 -2.39 -18.62 8.03
CA LYS A 184 -2.00 -17.48 8.86
C LYS A 184 -1.48 -17.93 10.21
N ILE A 185 -2.08 -18.97 10.79
CA ILE A 185 -1.57 -19.53 12.03
C ILE A 185 -0.12 -19.94 11.85
N ARG A 186 0.23 -20.50 10.69
CA ARG A 186 1.56 -21.00 10.40
C ARG A 186 2.47 -19.92 9.82
N HIS A 187 2.10 -18.65 9.96
CA HIS A 187 2.93 -17.52 9.55
C HIS A 187 3.34 -17.61 8.08
N GLU A 188 2.42 -18.06 7.23
CA GLU A 188 2.63 -17.91 5.79
C GLU A 188 2.46 -16.45 5.40
N ALA A 189 3.00 -16.11 4.23
CA ALA A 189 2.87 -14.74 3.72
C ALA A 189 1.41 -14.37 3.55
N TYR A 190 1.11 -13.08 3.70
CA TYR A 190 -0.24 -12.59 3.44
C TYR A 190 -0.68 -12.98 2.03
N GLN A 191 -1.87 -13.55 1.92
CA GLN A 191 -2.35 -14.08 0.66
C GLN A 191 -3.88 -14.01 0.66
N THR A 192 -4.45 -14.10 -0.55
CA THR A 192 -5.89 -14.00 -0.68
C THR A 192 -6.61 -15.09 0.12
N SER A 193 -5.99 -16.25 0.27
CA SER A 193 -6.63 -17.34 0.99
C SER A 193 -6.93 -16.96 2.44
N PHE A 194 -6.14 -16.05 3.02
CA PHE A 194 -6.47 -15.53 4.34
C PHE A 194 -7.88 -14.98 4.36
N ASP A 195 -8.20 -14.12 3.40
CA ASP A 195 -9.52 -13.51 3.31
C ASP A 195 -10.59 -14.57 3.04
N TRP A 196 -10.30 -15.51 2.13
CA TRP A 196 -11.29 -16.49 1.75
C TRP A 196 -11.68 -17.38 2.92
N TRP A 197 -10.71 -17.74 3.77
CA TRP A 197 -11.02 -18.51 4.97
C TRP A 197 -11.97 -17.73 5.87
N ALA A 198 -11.67 -16.45 6.11
CA ALA A 198 -12.55 -15.62 6.92
C ALA A 198 -13.93 -15.52 6.30
N VAL A 199 -14.00 -15.41 4.97
CA VAL A 199 -15.29 -15.43 4.30
C VAL A 199 -16.02 -16.72 4.63
N GLY A 200 -15.31 -17.85 4.64
CA GLY A 200 -15.92 -19.10 5.00
C GLY A 200 -16.51 -19.09 6.40
N VAL A 201 -15.78 -18.51 7.35
CA VAL A 201 -16.32 -18.42 8.72
C VAL A 201 -17.56 -17.53 8.73
N VAL A 202 -17.50 -16.38 8.06
CA VAL A 202 -18.66 -15.51 7.98
C VAL A 202 -19.85 -16.24 7.37
N ALA A 203 -19.61 -17.00 6.29
CA ALA A 203 -20.70 -17.71 5.63
C ALA A 203 -21.32 -18.74 6.57
N TYR A 204 -20.49 -19.49 7.28
CA TYR A 204 -21.01 -20.44 8.25
C TYR A 204 -21.83 -19.73 9.32
N GLU A 205 -21.37 -18.55 9.75
CA GLU A 205 -22.03 -17.87 10.86
C GLU A 205 -23.39 -17.32 10.44
N ILE A 206 -23.47 -16.68 9.28
CA ILE A 206 -24.77 -16.13 8.89
C ILE A 206 -25.73 -17.23 8.51
N LEU A 207 -25.24 -18.33 7.94
CA LEU A 207 -26.12 -19.42 7.54
C LEU A 207 -26.66 -20.16 8.76
N SER A 208 -25.80 -20.40 9.76
CA SER A 208 -26.17 -21.20 10.92
C SER A 208 -26.47 -20.36 12.16
N THR A 209 -26.01 -19.12 12.21
CA THR A 209 -26.03 -18.26 13.39
C THR A 209 -25.10 -18.78 14.48
N GLU A 210 -24.24 -19.74 14.18
CA GLU A 210 -23.26 -20.26 15.13
C GLU A 210 -21.87 -20.21 14.52
N TYR A 211 -20.86 -20.17 15.41
CA TYR A 211 -19.46 -20.19 15.00
C TYR A 211 -19.07 -21.63 14.62
N PRO A 212 -18.33 -21.80 13.52
CA PRO A 212 -18.13 -23.17 13.01
C PRO A 212 -17.46 -24.11 14.00
N PHE A 213 -16.42 -23.66 14.71
CA PHE A 213 -15.54 -24.56 15.45
C PHE A 213 -15.84 -24.53 16.95
N ASP A 214 -15.22 -25.46 17.66
CA ASP A 214 -15.65 -25.88 18.99
C ASP A 214 -14.97 -25.02 20.05
N ILE A 215 -15.56 -23.85 20.32
CA ILE A 215 -15.13 -23.00 21.41
C ILE A 215 -16.34 -22.36 22.07
N ASN A 216 -16.11 -21.80 23.26
CA ASN A 216 -17.14 -21.04 23.96
C ASN A 216 -17.33 -19.69 23.27
N MET A 223 -12.05 -16.94 26.63
CA MET A 223 -11.69 -16.85 25.21
C MET A 223 -10.65 -15.75 24.99
N ASP A 224 -10.41 -14.92 26.00
CA ASP A 224 -9.31 -13.96 25.89
C ASP A 224 -7.99 -14.68 25.71
N ALA A 225 -7.88 -15.92 26.19
CA ALA A 225 -6.63 -16.67 26.21
C ALA A 225 -6.44 -17.54 24.98
N ILE A 226 -7.40 -17.55 24.04
CA ILE A 226 -7.28 -18.41 22.87
C ILE A 226 -6.13 -17.92 22.00
N GLU A 227 -5.25 -18.85 21.61
CA GLU A 227 -4.07 -18.51 20.85
C GLU A 227 -4.10 -19.16 19.48
N PRO A 228 -3.40 -18.59 18.51
CA PRO A 228 -3.44 -19.14 17.14
C PRO A 228 -3.26 -20.66 17.07
N LYS A 229 -2.27 -21.20 17.77
CA LYS A 229 -2.01 -22.64 17.68
C LYS A 229 -3.10 -23.46 18.36
N ASP A 230 -3.87 -22.87 19.27
CA ASP A 230 -5.01 -23.55 19.85
C ASP A 230 -6.13 -23.78 18.83
N MET A 231 -6.14 -23.00 17.74
CA MET A 231 -7.17 -23.18 16.73
C MET A 231 -6.95 -24.44 15.91
N LEU A 232 -5.70 -24.86 15.73
CA LEU A 232 -5.43 -25.97 14.82
C LEU A 232 -6.12 -27.24 15.24
N PRO A 233 -6.05 -27.71 16.49
CA PRO A 233 -6.82 -28.91 16.86
C PRO A 233 -8.29 -28.79 16.50
N LEU A 234 -8.85 -27.60 16.65
CA LEU A 234 -10.27 -27.40 16.38
C LEU A 234 -10.58 -27.58 14.90
N TYR A 235 -9.71 -27.06 14.03
CA TYR A 235 -9.91 -27.23 12.60
C TYR A 235 -9.86 -28.69 12.18
N SER A 236 -9.28 -29.55 13.01
CA SER A 236 -9.18 -30.97 12.69
C SER A 236 -10.46 -31.74 13.01
N LYS A 237 -11.39 -31.15 13.74
CA LYS A 237 -12.64 -31.82 14.08
C LYS A 237 -13.68 -31.62 12.99
N PRO A 238 -14.68 -32.48 12.92
CA PRO A 238 -15.70 -32.35 11.87
C PRO A 238 -16.43 -31.02 11.94
N LEU A 239 -16.70 -30.45 10.77
CA LEU A 239 -17.54 -29.25 10.68
C LEU A 239 -19.00 -29.65 10.86
N PRO A 240 -19.71 -29.11 11.85
CA PRO A 240 -21.11 -29.50 12.04
C PRO A 240 -21.97 -29.18 10.82
N THR A 241 -22.87 -30.10 10.49
CA THR A 241 -23.88 -29.82 9.49
C THR A 241 -24.80 -28.70 9.96
N ILE A 242 -25.16 -27.81 9.04
CA ILE A 242 -26.14 -26.77 9.32
C ILE A 242 -27.51 -27.35 8.96
N GLU A 243 -28.31 -27.65 9.99
CA GLU A 243 -29.44 -28.55 9.80
C GLU A 243 -30.47 -27.98 8.82
N HIS A 244 -30.82 -26.71 8.97
CA HIS A 244 -31.96 -26.15 8.27
C HIS A 244 -31.54 -25.22 7.12
N VAL A 245 -30.45 -25.56 6.44
CA VAL A 245 -30.08 -24.96 5.17
C VAL A 245 -29.84 -26.09 4.18
N SER A 246 -29.73 -25.73 2.90
CA SER A 246 -29.71 -26.71 1.84
C SER A 246 -28.43 -27.56 1.87
N LYS A 247 -28.46 -28.63 1.09
CA LYS A 247 -27.26 -29.46 0.93
C LYS A 247 -26.16 -28.68 0.22
N LYS A 248 -26.53 -27.83 -0.73
CA LYS A 248 -25.53 -27.01 -1.42
C LYS A 248 -24.88 -26.03 -0.45
N ALA A 249 -25.68 -25.41 0.42
CA ALA A 249 -25.13 -24.47 1.40
C ALA A 249 -24.16 -25.18 2.34
N ASN A 250 -24.52 -26.40 2.77
CA ASN A 250 -23.62 -27.15 3.63
C ASN A 250 -22.34 -27.50 2.89
N ASP A 251 -22.46 -28.03 1.66
CA ASP A 251 -21.27 -28.36 0.89
C ASP A 251 -20.37 -27.14 0.70
N PHE A 252 -20.96 -25.95 0.59
CA PHE A 252 -20.16 -24.74 0.44
C PHE A 252 -19.27 -24.52 1.65
N VAL A 253 -19.85 -24.54 2.85
CA VAL A 253 -19.06 -24.18 4.02
C VAL A 253 -18.04 -25.26 4.35
N ARG A 254 -18.40 -26.53 4.11
CA ARG A 254 -17.42 -27.58 4.29
C ARG A 254 -16.17 -27.30 3.45
N ARG A 255 -16.36 -27.06 2.16
CA ARG A 255 -15.24 -26.85 1.24
C ARG A 255 -14.59 -25.49 1.46
N MET A 256 -15.32 -24.50 1.98
CA MET A 256 -14.68 -23.24 2.31
C MET A 256 -13.71 -23.40 3.47
N LEU A 257 -13.98 -24.33 4.39
CA LEU A 257 -13.22 -24.45 5.64
C LEU A 257 -12.44 -25.75 5.72
N ALA A 258 -12.21 -26.41 4.60
CA ALA A 258 -11.35 -27.59 4.57
C ALA A 258 -9.99 -27.26 5.15
N LEU A 259 -9.55 -28.05 6.14
CA LEU A 259 -8.23 -27.84 6.72
C LEU A 259 -7.15 -27.86 5.64
N ASP A 260 -7.18 -28.89 4.79
CA ASP A 260 -6.22 -29.03 3.69
C ASP A 260 -6.59 -28.05 2.58
N ILE A 261 -5.70 -27.12 2.27
CA ILE A 261 -6.00 -26.13 1.25
C ILE A 261 -6.23 -26.80 -0.09
N ASN A 262 -5.61 -27.96 -0.31
CA ASN A 262 -5.81 -28.71 -1.55
C ASN A 262 -7.18 -29.36 -1.64
N SER A 263 -8.01 -29.22 -0.60
CA SER A 263 -9.40 -29.66 -0.63
C SER A 263 -10.35 -28.49 -0.37
N ARG A 264 -9.86 -27.26 -0.48
CA ARG A 264 -10.56 -26.07 -0.05
C ARG A 264 -10.84 -25.16 -1.25
N LEU A 265 -11.94 -24.42 -1.15
CA LEU A 265 -12.21 -23.30 -2.06
C LEU A 265 -11.36 -22.14 -1.57
N SER A 266 -10.13 -22.04 -2.08
CA SER A 266 -9.15 -21.08 -1.61
C SER A 266 -8.87 -19.98 -2.62
N THR A 267 -9.61 -19.94 -3.71
CA THR A 267 -9.44 -18.94 -4.76
C THR A 267 -10.80 -18.36 -5.13
N TYR A 268 -10.76 -17.17 -5.74
CA TYR A 268 -11.99 -16.55 -6.21
C TYR A 268 -12.77 -17.49 -7.14
N ASP A 269 -12.09 -18.06 -8.13
CA ASP A 269 -12.77 -18.86 -9.14
C ASP A 269 -13.41 -20.10 -8.53
N GLU A 270 -12.72 -20.73 -7.59
CA GLU A 270 -13.31 -21.88 -6.90
C GLU A 270 -14.56 -21.48 -6.15
N ILE A 271 -14.49 -20.38 -5.40
CA ILE A 271 -15.62 -19.96 -4.58
C ILE A 271 -16.81 -19.61 -5.46
N ILE A 272 -16.59 -18.74 -6.45
CA ILE A 272 -17.70 -18.18 -7.22
C ILE A 272 -18.35 -19.23 -8.13
N LYS A 273 -17.68 -20.35 -8.39
CA LYS A 273 -18.24 -21.37 -9.25
C LYS A 273 -18.90 -22.51 -8.48
N HIS A 274 -18.94 -22.45 -7.16
CA HIS A 274 -19.57 -23.51 -6.39
C HIS A 274 -21.08 -23.48 -6.58
N PRO A 275 -21.75 -24.64 -6.63
CA PRO A 275 -23.20 -24.64 -6.85
C PRO A 275 -23.96 -23.67 -5.96
N PHE A 276 -23.58 -23.55 -4.68
CA PHE A 276 -24.31 -22.68 -3.77
C PHE A 276 -24.44 -21.28 -4.33
N LEU A 277 -23.36 -20.75 -4.91
CA LEU A 277 -23.35 -19.38 -5.38
C LEU A 277 -23.81 -19.25 -6.83
N CYS A 278 -24.15 -20.36 -7.48
CA CYS A 278 -24.67 -20.35 -8.84
C CYS A 278 -26.18 -20.45 -8.82
N PHE A 279 -26.79 -20.04 -9.93
CA PHE A 279 -28.24 -19.97 -10.02
C PHE A 279 -28.79 -20.93 -11.07
N PRO B 3 -11.95 14.44 21.03
CA PRO B 3 -13.34 14.73 20.63
C PRO B 3 -13.32 15.68 19.45
N SER B 4 -14.11 16.76 19.50
CA SER B 4 -13.92 17.81 18.51
C SER B 4 -12.58 18.53 18.73
N LYS B 5 -12.04 18.46 19.94
CA LYS B 5 -10.72 19.04 20.20
C LYS B 5 -9.65 18.43 19.31
N SER B 6 -9.85 17.19 18.86
CA SER B 6 -8.86 16.57 17.99
C SER B 6 -8.85 17.23 16.62
N ILE B 7 -10.03 17.59 16.10
CA ILE B 7 -10.09 18.32 14.83
C ILE B 7 -9.38 19.66 14.96
N SER B 8 -9.69 20.40 16.02
CA SER B 8 -9.03 21.67 16.27
C SER B 8 -7.50 21.49 16.28
N ARG B 9 -7.02 20.52 17.05
CA ARG B 9 -5.57 20.31 17.13
C ARG B 9 -5.00 19.91 15.78
N VAL B 10 -5.69 19.02 15.06
CA VAL B 10 -5.19 18.56 13.76
C VAL B 10 -5.08 19.75 12.80
N ALA B 11 -6.13 20.57 12.74
CA ALA B 11 -6.06 21.78 11.93
C ALA B 11 -4.94 22.70 12.41
N GLN B 12 -4.78 22.82 13.73
CA GLN B 12 -3.76 23.72 14.28
C GLN B 12 -2.36 23.31 13.85
N GLU B 13 -2.04 22.02 13.98
CA GLU B 13 -0.71 21.54 13.62
C GLU B 13 -0.35 21.95 12.19
N LEU B 14 -1.27 21.75 11.25
CA LEU B 14 -0.99 22.06 9.86
C LEU B 14 -0.92 23.56 9.59
N SER B 15 -1.55 24.36 10.44
CA SER B 15 -1.53 25.82 10.29
C SER B 15 -0.17 26.42 10.61
N LYS B 16 0.73 25.65 11.23
CA LYS B 16 2.03 26.19 11.61
C LYS B 16 2.97 26.33 10.42
N TYR B 17 2.65 25.72 9.28
CA TYR B 17 3.52 25.76 8.11
C TYR B 17 3.22 26.98 7.27
N GLU B 18 4.28 27.58 6.71
CA GLU B 18 4.17 28.72 5.81
C GLU B 18 5.04 28.51 4.59
N ILE B 19 4.48 28.81 3.42
CA ILE B 19 5.18 28.62 2.16
C ILE B 19 6.22 29.71 2.00
N LEU B 20 7.46 29.30 1.75
CA LEU B 20 8.54 30.26 1.56
C LEU B 20 8.75 30.62 0.10
N LYS B 21 8.85 29.62 -0.77
CA LYS B 21 9.01 29.83 -2.19
C LYS B 21 8.80 28.51 -2.91
N LYS B 22 8.46 28.60 -4.19
CA LYS B 22 8.38 27.44 -5.06
C LYS B 22 9.78 26.95 -5.40
N LEU B 23 9.89 25.66 -5.72
CA LEU B 23 11.19 25.03 -5.87
C LEU B 23 11.49 24.65 -7.32
N ASP B 24 10.79 25.22 -8.28
CA ASP B 24 11.11 24.95 -9.68
C ASP B 24 10.70 26.15 -10.55
N GLU B 25 11.08 26.06 -11.82
CA GLU B 25 10.53 26.88 -12.91
C GLU B 25 9.83 25.98 -13.92
N SER B 26 9.30 24.86 -13.44
CA SER B 26 8.69 23.82 -14.27
C SER B 26 7.34 24.26 -14.82
N SER B 32 1.92 18.27 -10.33
CA SER B 32 2.47 18.48 -9.00
C SER B 32 3.34 19.74 -8.96
N SER B 33 3.24 20.47 -7.84
CA SER B 33 4.11 21.61 -7.57
C SER B 33 4.75 21.41 -6.20
N VAL B 34 6.05 21.67 -6.11
CA VAL B 34 6.82 21.49 -4.89
C VAL B 34 7.23 22.86 -4.37
N TYR B 35 7.08 23.07 -3.06
CA TYR B 35 7.42 24.34 -2.44
C TYR B 35 8.31 24.10 -1.22
N LEU B 36 9.20 25.05 -0.98
CA LEU B 36 9.92 25.11 0.28
C LEU B 36 9.03 25.76 1.33
N CYS B 37 8.97 25.15 2.51
CA CYS B 37 8.12 25.62 3.58
C CYS B 37 8.90 25.71 4.87
N LYS B 38 8.45 26.60 5.77
CA LYS B 38 9.02 26.75 7.10
C LYS B 38 7.90 26.61 8.12
N LYS B 39 8.25 26.13 9.30
CA LYS B 39 7.33 25.89 10.40
C LYS B 39 7.59 26.91 11.49
N LYS B 40 6.51 27.42 12.10
CA LYS B 40 6.65 28.42 13.16
C LYS B 40 7.38 27.80 14.36
N GLY B 41 8.53 28.34 14.72
CA GLY B 41 9.29 27.80 15.83
C GLY B 41 10.31 26.76 15.44
N GLU B 42 10.70 26.70 14.16
CA GLU B 42 11.72 25.78 13.70
C GLU B 42 12.60 26.49 12.69
N HIS B 43 13.90 26.24 12.72
CA HIS B 43 14.77 26.60 11.61
C HIS B 43 14.78 25.52 10.54
N LYS B 44 14.44 24.29 10.91
CA LYS B 44 14.27 23.19 9.97
C LYS B 44 13.30 23.57 8.86
N ARG B 45 13.70 23.33 7.62
CA ARG B 45 12.84 23.55 6.48
C ARG B 45 12.17 22.25 6.05
N PHE B 46 11.07 22.39 5.34
CA PHE B 46 10.28 21.26 4.85
C PHE B 46 9.98 21.47 3.38
N VAL B 47 9.47 20.42 2.75
CA VAL B 47 9.06 20.45 1.36
C VAL B 47 7.57 20.10 1.32
N CYS B 48 6.75 21.04 0.84
CA CYS B 48 5.32 20.82 0.69
C CYS B 48 5.03 20.55 -0.79
N LYS B 49 4.52 19.35 -1.08
CA LYS B 49 4.24 18.92 -2.45
C LYS B 49 2.73 18.87 -2.64
N ILE B 50 2.22 19.76 -3.47
CA ILE B 50 0.80 19.83 -3.80
C ILE B 50 0.56 18.97 -5.04
N VAL B 51 -0.25 17.92 -4.91
CA VAL B 51 -0.49 16.98 -6.00
C VAL B 51 -1.88 17.25 -6.59
N LYS B 52 -1.98 17.05 -7.90
CA LYS B 52 -3.21 17.41 -8.60
C LYS B 52 -4.36 16.51 -8.15
N PRO B 53 -5.56 17.07 -7.99
CA PRO B 53 -6.72 16.22 -7.71
C PRO B 53 -6.86 15.15 -8.76
N SER B 54 -7.30 13.97 -8.33
CA SER B 54 -7.65 12.80 -9.13
C SER B 54 -6.48 11.97 -9.62
N THR B 55 -5.22 12.39 -9.43
CA THR B 55 -4.11 11.72 -10.08
C THR B 55 -3.02 11.32 -9.10
N PHE B 56 -3.35 11.22 -7.82
CA PHE B 56 -2.39 10.84 -6.79
C PHE B 56 -2.29 9.32 -6.70
N ASN B 57 -1.06 8.81 -6.81
CA ASN B 57 -0.79 7.41 -6.57
C ASN B 57 -0.76 7.19 -5.06
N SER B 58 -1.76 6.48 -4.54
CA SER B 58 -1.87 6.31 -3.09
C SER B 58 -0.60 5.72 -2.50
N LEU B 59 0.07 4.83 -3.24
CA LEU B 59 1.25 4.16 -2.69
C LEU B 59 2.40 5.12 -2.42
N GLU B 60 2.40 6.31 -3.02
CA GLU B 60 3.41 7.30 -2.68
C GLU B 60 3.39 7.59 -1.19
N PHE B 61 2.20 7.69 -0.60
CA PHE B 61 2.07 7.87 0.83
C PHE B 61 2.65 6.68 1.59
N ASP B 62 2.38 5.47 1.12
CA ASP B 62 2.82 4.28 1.84
C ASP B 62 4.34 4.20 1.91
N VAL B 63 5.03 4.46 0.80
CA VAL B 63 6.49 4.37 0.80
C VAL B 63 7.06 5.30 1.86
N HIS B 64 6.57 6.54 1.91
CA HIS B 64 6.97 7.47 2.95
C HIS B 64 6.84 6.85 4.33
N ILE B 65 5.65 6.32 4.64
CA ILE B 65 5.36 5.84 5.98
C ILE B 65 6.13 4.56 6.26
N LEU B 66 6.09 3.61 5.34
CA LEU B 66 6.78 2.34 5.56
C LEU B 66 8.28 2.53 5.75
N MET B 67 8.88 3.52 5.09
CA MET B 67 10.31 3.77 5.19
C MET B 67 10.63 4.89 6.18
N ARG B 68 9.73 5.17 7.12
CA ARG B 68 9.90 6.30 8.01
C ARG B 68 11.23 6.25 8.76
N ASN B 69 11.61 5.08 9.24
CA ASN B 69 12.80 4.93 10.06
C ASN B 69 14.04 4.58 9.26
N ASN B 70 13.95 4.57 7.93
CA ASN B 70 15.11 4.34 7.09
C ASN B 70 15.75 5.66 6.72
N PRO B 71 17.04 5.89 7.06
CA PRO B 71 17.62 7.23 6.83
C PRO B 71 17.78 7.59 5.36
N ASN B 72 17.60 6.66 4.43
CA ASN B 72 17.80 6.91 3.02
C ASN B 72 16.48 7.17 2.27
N PHE B 73 15.38 7.31 2.99
CA PHE B 73 14.10 7.76 2.44
C PHE B 73 13.69 9.02 3.16
N ILE B 74 12.77 9.78 2.55
CA ILE B 74 12.41 11.10 3.05
C ILE B 74 11.25 10.98 4.01
N LYS B 75 11.41 11.56 5.20
CA LYS B 75 10.39 11.46 6.24
C LYS B 75 9.20 12.33 5.88
N LEU B 76 8.00 11.76 6.04
CA LEU B 76 6.74 12.47 5.83
C LEU B 76 6.18 12.90 7.17
N HIS B 77 5.88 14.20 7.31
CA HIS B 77 5.37 14.75 8.55
C HIS B 77 3.87 14.92 8.56
N ASN B 78 3.28 15.36 7.44
CA ASN B 78 1.84 15.52 7.34
C ASN B 78 1.40 15.16 5.92
N PHE B 79 0.16 14.69 5.82
CA PHE B 79 -0.46 14.37 4.54
C PHE B 79 -1.94 14.72 4.65
N VAL B 80 -2.43 15.53 3.71
CA VAL B 80 -3.83 15.94 3.67
C VAL B 80 -4.40 15.49 2.35
N PHE B 81 -5.47 14.70 2.40
CA PHE B 81 -6.17 14.25 1.21
C PHE B 81 -7.58 14.83 1.19
N ASN B 82 -8.00 15.31 0.02
CA ASN B 82 -9.33 15.86 -0.21
C ASN B 82 -9.87 15.23 -1.49
N ASP B 83 -10.96 14.46 -1.37
CA ASP B 83 -11.48 13.79 -2.55
C ASP B 83 -12.02 14.77 -3.60
N ASN B 84 -12.34 16.00 -3.20
CA ASN B 84 -12.75 17.03 -4.14
C ASN B 84 -11.90 18.28 -3.95
N GLY B 85 -10.59 18.10 -3.89
CA GLY B 85 -9.69 19.23 -3.76
C GLY B 85 -8.27 18.84 -4.07
N GLU B 86 -7.33 19.64 -3.58
CA GLU B 86 -5.90 19.38 -3.73
C GLU B 86 -5.37 18.66 -2.49
N SER B 87 -4.47 17.71 -2.72
CA SER B 87 -3.82 16.94 -1.68
C SER B 87 -2.45 17.50 -1.42
N LEU B 88 -1.98 17.34 -0.18
CA LEU B 88 -0.70 17.91 0.24
C LEU B 88 0.17 16.90 0.96
N LEU B 89 1.47 16.95 0.68
CA LEU B 89 2.48 16.19 1.40
C LEU B 89 3.53 17.15 1.95
N ILE B 90 3.77 17.10 3.25
CA ILE B 90 4.77 17.92 3.92
C ILE B 90 5.87 16.99 4.42
N MET B 91 7.08 17.17 3.88
CA MET B 91 8.18 16.24 4.10
C MET B 91 9.45 17.00 4.41
N ASP B 92 10.47 16.25 4.83
CA ASP B 92 11.77 16.85 5.11
C ASP B 92 12.34 17.49 3.85
N TYR B 93 13.06 18.59 4.04
CA TYR B 93 13.97 19.13 3.03
C TYR B 93 15.35 18.57 3.34
N VAL B 94 15.91 17.78 2.41
CA VAL B 94 17.11 17.01 2.70
C VAL B 94 18.34 17.50 1.93
N SER B 95 18.17 18.06 0.75
CA SER B 95 19.34 18.41 -0.05
C SER B 95 18.95 19.41 -1.14
N ASP B 96 19.92 20.22 -1.54
CA ASP B 96 19.70 21.19 -2.61
C ASP B 96 20.05 20.64 -3.99
N GLY B 97 20.37 19.34 -4.09
CA GLY B 97 20.71 18.76 -5.38
C GLY B 97 20.58 17.25 -5.35
N ASP B 98 20.88 16.63 -6.49
CA ASP B 98 20.75 15.19 -6.66
C ASP B 98 21.98 14.64 -7.37
N LEU B 99 21.97 13.32 -7.59
CA LEU B 99 23.12 12.69 -8.24
C LEU B 99 23.28 13.16 -9.68
N PHE B 100 22.19 13.56 -10.32
CA PHE B 100 22.32 14.06 -11.69
C PHE B 100 23.08 15.39 -11.70
N ASP B 101 22.54 16.39 -11.00
CA ASP B 101 23.25 17.67 -10.86
C ASP B 101 24.70 17.43 -10.49
N PHE B 102 24.95 16.46 -9.61
CA PHE B 102 26.27 16.19 -9.08
C PHE B 102 27.17 15.47 -10.08
N VAL B 103 26.62 14.95 -11.19
CA VAL B 103 27.44 14.26 -12.17
C VAL B 103 27.55 15.13 -13.43
N LYS B 104 26.50 15.86 -13.73
CA LYS B 104 26.47 16.69 -14.93
C LYS B 104 26.80 15.88 -16.20
N ARG B 112 33.75 15.00 -9.01
CA ARG B 112 34.26 13.85 -9.73
C ARG B 112 34.36 12.64 -8.80
N LEU B 113 33.27 11.89 -8.70
CA LEU B 113 33.22 10.76 -7.78
C LEU B 113 34.25 9.70 -8.14
N ASN B 114 35.12 9.35 -7.19
CA ASN B 114 36.04 8.25 -7.37
C ASN B 114 35.34 6.93 -7.02
N GLU B 115 36.03 5.82 -7.32
CA GLU B 115 35.42 4.50 -7.19
C GLU B 115 34.91 4.27 -5.76
N ALA B 116 35.75 4.58 -4.76
CA ALA B 116 35.34 4.36 -3.38
C ALA B 116 34.02 5.06 -3.07
N ALA B 117 33.85 6.29 -3.54
CA ALA B 117 32.62 7.03 -3.27
C ALA B 117 31.44 6.39 -4.00
N CYS B 118 31.67 5.88 -5.21
CA CYS B 118 30.58 5.23 -5.93
C CYS B 118 30.20 3.91 -5.26
N LYS B 119 31.19 3.16 -4.78
CA LYS B 119 30.89 1.91 -4.09
C LYS B 119 29.98 2.14 -2.89
N LYS B 120 30.24 3.21 -2.11
CA LYS B 120 29.39 3.49 -0.96
C LYS B 120 27.98 3.84 -1.40
N ILE B 121 27.86 4.71 -2.41
CA ILE B 121 26.55 5.12 -2.90
C ILE B 121 25.76 3.89 -3.35
N ILE B 122 26.42 2.95 -4.04
CA ILE B 122 25.70 1.80 -4.58
C ILE B 122 25.26 0.88 -3.45
N ILE B 123 26.14 0.63 -2.47
CA ILE B 123 25.74 -0.20 -1.33
C ILE B 123 24.55 0.41 -0.63
N THR B 124 24.61 1.72 -0.36
CA THR B 124 23.49 2.41 0.29
C THR B 124 22.22 2.27 -0.53
N LEU B 125 22.31 2.55 -1.84
CA LEU B 125 21.11 2.49 -2.68
C LEU B 125 20.54 1.07 -2.71
N VAL B 126 21.40 0.07 -2.90
CA VAL B 126 20.91 -1.30 -2.98
C VAL B 126 20.28 -1.72 -1.65
N THR B 127 20.92 -1.35 -0.54
CA THR B 127 20.37 -1.69 0.78
C THR B 127 19.04 -0.98 0.99
N ALA B 128 18.98 0.31 0.70
CA ALA B 128 17.75 1.06 0.89
C ALA B 128 16.62 0.47 0.06
N LEU B 129 16.89 0.17 -1.21
CA LEU B 129 15.84 -0.38 -2.06
C LEU B 129 15.46 -1.79 -1.64
N ASN B 130 16.40 -2.59 -1.11
CA ASN B 130 16.04 -3.89 -0.59
C ASN B 130 15.08 -3.76 0.58
N ASP B 131 15.34 -2.81 1.48
CA ASP B 131 14.43 -2.57 2.59
CA ASP B 131 14.42 -2.55 2.59
C ASP B 131 13.01 -2.23 2.07
N LEU B 132 12.93 -1.42 1.02
CA LEU B 132 11.62 -1.13 0.44
C LEU B 132 10.99 -2.40 -0.12
N HIS B 133 11.79 -3.24 -0.79
CA HIS B 133 11.27 -4.44 -1.41
C HIS B 133 10.74 -5.46 -0.40
N LYS B 134 11.14 -5.35 0.87
CA LYS B 134 10.57 -6.22 1.90
C LYS B 134 9.07 -6.04 2.02
N ASN B 135 8.55 -4.87 1.64
CA ASN B 135 7.12 -4.61 1.62
C ASN B 135 6.48 -4.99 0.28
N ASN B 136 7.22 -5.65 -0.59
CA ASN B 136 6.74 -5.98 -1.94
C ASN B 136 6.30 -4.73 -2.69
N ILE B 137 7.05 -3.64 -2.50
CA ILE B 137 6.87 -2.41 -3.27
C ILE B 137 8.13 -2.15 -4.06
N VAL B 138 7.98 -1.71 -5.30
CA VAL B 138 9.09 -1.36 -6.16
CA VAL B 138 9.08 -1.36 -6.17
C VAL B 138 9.03 0.13 -6.44
N HIS B 139 10.17 0.80 -6.33
CA HIS B 139 10.20 2.25 -6.58
C HIS B 139 9.71 2.55 -7.99
N ASN B 140 10.29 1.88 -8.99
CA ASN B 140 9.84 1.85 -10.37
C ASN B 140 10.23 3.10 -11.16
N ASP B 141 10.89 4.08 -10.54
CA ASP B 141 11.48 5.18 -11.28
C ASP B 141 12.84 5.56 -10.69
N VAL B 142 13.68 4.57 -10.43
CA VAL B 142 15.02 4.83 -9.93
C VAL B 142 15.84 5.49 -11.04
N LYS B 143 16.47 6.62 -10.71
CA LYS B 143 17.30 7.34 -11.67
C LYS B 143 18.08 8.41 -10.93
N LEU B 144 19.09 8.97 -11.62
CA LEU B 144 19.94 9.98 -11.01
C LEU B 144 19.12 11.12 -10.45
N GLU B 145 18.09 11.56 -11.17
CA GLU B 145 17.29 12.71 -10.77
C GLU B 145 16.40 12.40 -9.57
N ASN B 146 16.15 11.13 -9.27
CA ASN B 146 15.34 10.73 -8.13
C ASN B 146 16.19 10.25 -6.95
N LEU B 147 17.49 10.55 -6.98
CA LEU B 147 18.41 10.22 -5.90
C LEU B 147 19.02 11.54 -5.41
N LEU B 148 18.35 12.17 -4.45
CA LEU B 148 18.90 13.38 -3.85
C LEU B 148 20.20 13.06 -3.13
N TYR B 149 21.13 14.01 -3.14
CA TYR B 149 22.48 13.79 -2.63
C TYR B 149 22.98 15.05 -1.96
N ASP B 150 23.24 14.96 -0.65
CA ASP B 150 23.81 16.05 0.13
C ASP B 150 25.33 15.95 0.03
N ARG B 151 25.93 16.86 -0.73
CA ARG B 151 27.36 16.78 -0.98
C ARG B 151 28.18 17.04 0.28
N LYS B 152 27.66 17.85 1.19
CA LYS B 152 28.40 18.12 2.43
C LYS B 152 28.59 16.83 3.22
N LYS B 153 27.52 16.08 3.45
CA LYS B 153 27.56 14.88 4.27
C LYS B 153 27.71 13.61 3.45
N LYS B 154 27.77 13.71 2.12
CA LYS B 154 27.81 12.53 1.25
C LYS B 154 26.66 11.59 1.57
N ARG B 155 25.47 12.17 1.78
CA ARG B 155 24.29 11.40 2.14
C ARG B 155 23.31 11.32 0.99
N LEU B 156 22.74 10.13 0.79
CA LEU B 156 21.87 9.84 -0.33
C LEU B 156 20.44 9.65 0.17
N PHE B 157 19.49 10.18 -0.60
CA PHE B 157 18.07 10.04 -0.28
C PHE B 157 17.33 9.61 -1.54
N VAL B 158 16.64 8.47 -1.49
CA VAL B 158 15.70 8.09 -2.54
C VAL B 158 14.46 8.95 -2.41
N CYS B 159 13.98 9.48 -3.53
CA CYS B 159 12.84 10.40 -3.51
C CYS B 159 11.88 10.10 -4.65
N ASP B 160 10.74 10.78 -4.61
CA ASP B 160 9.68 10.73 -5.63
C ASP B 160 9.13 9.32 -5.83
N TYR B 161 8.35 8.89 -4.84
CA TYR B 161 7.66 7.61 -4.88
C TYR B 161 6.33 7.66 -5.63
N GLY B 162 6.15 8.65 -6.52
CA GLY B 162 4.89 8.81 -7.21
C GLY B 162 4.55 7.69 -8.19
N LEU B 163 5.54 6.93 -8.63
CA LEU B 163 5.31 5.85 -9.57
C LEU B 163 5.55 4.47 -8.95
N SER B 164 5.51 4.39 -7.63
CA SER B 164 5.74 3.12 -6.94
C SER B 164 4.59 2.16 -7.19
N ARG B 165 4.91 0.87 -7.21
CA ARG B 165 3.92 -0.16 -7.53
C ARG B 165 4.15 -1.38 -6.64
N ILE B 166 3.10 -2.19 -6.53
CA ILE B 166 3.15 -3.43 -5.76
C ILE B 166 3.62 -4.55 -6.67
N VAL B 167 4.50 -5.41 -6.15
CA VAL B 167 5.01 -6.52 -6.93
C VAL B 167 3.86 -7.40 -7.39
N GLY B 168 3.92 -7.83 -8.65
CA GLY B 168 2.95 -8.76 -9.20
C GLY B 168 1.78 -8.13 -9.91
N THR B 169 1.64 -6.80 -9.85
CA THR B 169 0.58 -6.14 -10.60
C THR B 169 1.02 -5.91 -12.04
N PRO B 170 0.08 -5.89 -12.99
CA PRO B 170 0.47 -5.70 -14.39
C PRO B 170 1.09 -4.32 -14.59
N SER B 171 2.08 -4.26 -15.47
CA SER B 171 2.86 -3.03 -15.67
C SER B 171 2.44 -2.31 -16.95
N PHE B 172 2.79 -1.03 -17.01
CA PHE B 172 2.62 -0.20 -18.19
C PHE B 172 3.85 0.70 -18.31
N TYR B 173 3.95 1.40 -19.43
CA TYR B 173 5.16 2.16 -19.73
C TYR B 173 5.19 3.50 -18.99
N ASP B 174 5.19 3.42 -17.66
CA ASP B 174 5.38 4.60 -16.83
C ASP B 174 6.85 4.74 -16.47
N GLY B 175 7.22 5.95 -16.05
CA GLY B 175 8.59 6.21 -15.68
C GLY B 175 9.46 6.67 -16.83
N THR B 176 10.76 6.38 -16.75
CA THR B 176 11.75 6.91 -17.67
C THR B 176 12.25 5.78 -18.56
N THR B 177 11.95 5.90 -19.87
CA THR B 177 12.22 4.83 -20.81
C THR B 177 13.66 4.36 -20.73
N VAL B 178 14.61 5.30 -20.66
CA VAL B 178 16.02 4.95 -20.81
C VAL B 178 16.54 4.21 -19.59
N TYR B 179 15.70 4.05 -18.57
CA TYR B 179 16.02 3.22 -17.42
C TYR B 179 15.20 1.93 -17.39
N PHE B 180 14.43 1.64 -18.45
CA PHE B 180 13.56 0.47 -18.45
C PHE B 180 14.40 -0.80 -18.57
N SER B 181 14.04 -1.82 -17.80
CA SER B 181 14.67 -3.13 -17.92
C SER B 181 14.13 -3.87 -19.14
N PRO B 182 14.85 -4.90 -19.61
CA PRO B 182 14.26 -5.75 -20.67
C PRO B 182 12.87 -6.26 -20.30
N GLU B 183 12.68 -6.62 -19.03
CA GLU B 183 11.42 -7.21 -18.60
C GLU B 183 10.30 -6.19 -18.57
N LYS B 184 10.60 -4.95 -18.18
CA LYS B 184 9.57 -3.92 -18.22
C LYS B 184 9.20 -3.58 -19.66
N ILE B 185 10.18 -3.54 -20.56
CA ILE B 185 9.89 -3.30 -21.97
C ILE B 185 8.97 -4.40 -22.50
N ARG B 186 9.15 -5.63 -22.03
CA ARG B 186 8.36 -6.76 -22.46
C ARG B 186 7.08 -6.92 -21.64
N HIS B 187 6.68 -5.90 -20.90
CA HIS B 187 5.40 -5.85 -20.20
C HIS B 187 5.26 -6.96 -19.16
N GLU B 188 6.36 -7.39 -18.55
CA GLU B 188 6.22 -8.29 -17.41
C GLU B 188 5.66 -7.54 -16.21
N ALA B 189 5.07 -8.29 -15.27
CA ALA B 189 4.53 -7.68 -14.07
C ALA B 189 5.63 -6.95 -13.29
N TYR B 190 5.22 -5.94 -12.54
CA TYR B 190 6.18 -5.21 -11.71
C TYR B 190 6.91 -6.17 -10.77
N GLN B 191 8.21 -5.94 -10.63
CA GLN B 191 9.08 -6.87 -9.90
C GLN B 191 10.33 -6.13 -9.48
N THR B 192 10.98 -6.66 -8.43
CA THR B 192 12.16 -5.99 -7.90
C THR B 192 13.22 -5.77 -8.97
N SER B 193 13.33 -6.68 -9.94
CA SER B 193 14.38 -6.57 -10.94
C SER B 193 14.26 -5.29 -11.77
N PHE B 194 13.07 -4.69 -11.84
CA PHE B 194 12.94 -3.38 -12.46
C PHE B 194 13.86 -2.38 -11.79
N ASP B 195 13.82 -2.34 -10.46
CA ASP B 195 14.66 -1.41 -9.71
C ASP B 195 16.14 -1.75 -9.87
N TRP B 196 16.48 -3.04 -9.89
CA TRP B 196 17.88 -3.42 -9.95
C TRP B 196 18.50 -3.04 -11.29
N TRP B 197 17.74 -3.15 -12.38
CA TRP B 197 18.26 -2.71 -13.68
C TRP B 197 18.57 -1.22 -13.65
N ALA B 198 17.64 -0.41 -13.11
CA ALA B 198 17.88 1.02 -13.01
C ALA B 198 19.09 1.31 -12.12
N VAL B 199 19.28 0.52 -11.06
CA VAL B 199 20.47 0.70 -10.23
C VAL B 199 21.73 0.45 -11.04
N GLY B 200 21.69 -0.53 -11.94
CA GLY B 200 22.83 -0.78 -12.80
C GLY B 200 23.17 0.42 -13.66
N VAL B 201 22.15 1.09 -14.19
CA VAL B 201 22.39 2.28 -15.00
C VAL B 201 22.97 3.39 -14.15
N VAL B 202 22.39 3.61 -12.97
CA VAL B 202 22.91 4.60 -12.04
C VAL B 202 24.37 4.29 -11.71
N ALA B 203 24.65 3.03 -11.37
CA ALA B 203 26.01 2.63 -11.01
C ALA B 203 26.98 2.93 -12.15
N TYR B 204 26.62 2.54 -13.37
CA TYR B 204 27.46 2.84 -14.52
C TYR B 204 27.66 4.34 -14.66
N GLU B 205 26.60 5.12 -14.43
CA GLU B 205 26.66 6.56 -14.68
C GLU B 205 27.59 7.26 -13.70
N ILE B 206 27.47 6.93 -12.40
CA ILE B 206 28.31 7.63 -11.44
C ILE B 206 29.75 7.18 -11.54
N LEU B 207 29.99 5.90 -11.89
CA LEU B 207 31.35 5.43 -12.01
C LEU B 207 32.03 6.00 -13.25
N SER B 208 31.28 6.26 -14.32
CA SER B 208 31.85 6.69 -15.59
C SER B 208 31.53 8.13 -15.96
N THR B 209 30.54 8.74 -15.31
CA THR B 209 29.97 10.03 -15.67
C THR B 209 29.18 9.96 -16.97
N GLU B 210 28.97 8.77 -17.52
CA GLU B 210 28.31 8.63 -18.81
C GLU B 210 27.20 7.59 -18.75
N TYR B 211 26.25 7.69 -19.69
CA TYR B 211 25.17 6.74 -19.89
C TYR B 211 25.72 5.48 -20.58
N PRO B 212 25.32 4.29 -20.12
CA PRO B 212 26.01 3.08 -20.59
C PRO B 212 25.75 2.74 -22.05
N PHE B 213 24.57 3.05 -22.58
CA PHE B 213 24.15 2.56 -23.88
C PHE B 213 24.28 3.65 -24.95
N ASP B 214 24.22 3.20 -26.21
CA ASP B 214 24.76 3.99 -27.32
C ASP B 214 23.71 4.97 -27.84
N ILE B 215 23.42 5.97 -27.00
CA ILE B 215 22.64 7.14 -27.40
C ILE B 215 23.21 8.35 -26.69
N ASN B 216 22.91 9.53 -27.23
CA ASN B 216 23.46 10.79 -26.71
C ASN B 216 22.57 11.25 -25.56
N GLU B 217 23.01 10.98 -24.32
CA GLU B 217 22.19 11.33 -23.17
C GLU B 217 22.07 12.83 -22.96
N ASP B 218 22.92 13.64 -23.59
CA ASP B 218 22.80 15.08 -23.52
C ASP B 218 21.88 15.62 -24.59
N ASN B 219 21.52 14.81 -25.58
CA ASN B 219 20.48 15.21 -26.52
C ASN B 219 19.12 14.88 -25.88
N GLU B 220 18.50 15.87 -25.27
CA GLU B 220 17.26 15.66 -24.53
C GLU B 220 16.17 15.07 -25.43
N GLU B 221 15.82 15.80 -26.49
CA GLU B 221 14.71 15.39 -27.35
C GLU B 221 14.81 13.91 -27.69
N GLU B 222 16.03 13.41 -27.93
CA GLU B 222 16.21 12.01 -28.31
C GLU B 222 15.94 11.08 -27.13
N MET B 223 16.45 11.41 -25.95
CA MET B 223 16.18 10.57 -24.79
C MET B 223 14.70 10.50 -24.47
N ASP B 224 13.99 11.62 -24.65
CA ASP B 224 12.57 11.65 -24.33
C ASP B 224 11.75 10.94 -25.41
N ALA B 225 12.23 10.89 -26.64
CA ALA B 225 11.46 10.35 -27.74
C ALA B 225 11.65 8.86 -27.96
N ILE B 226 12.76 8.28 -27.51
CA ILE B 226 13.06 6.90 -27.83
C ILE B 226 11.99 5.98 -27.24
N GLU B 227 11.51 5.03 -28.06
CA GLU B 227 10.46 4.12 -27.64
C GLU B 227 11.06 2.95 -26.85
N PRO B 228 10.31 2.41 -25.88
CA PRO B 228 10.84 1.24 -25.14
C PRO B 228 11.37 0.13 -26.04
N LYS B 229 10.69 -0.16 -27.15
CA LYS B 229 11.15 -1.26 -28.00
C LYS B 229 12.52 -0.97 -28.59
N ASP B 230 12.86 0.29 -28.81
CA ASP B 230 14.14 0.65 -29.38
C ASP B 230 15.28 0.59 -28.37
N MET B 231 14.98 0.36 -27.10
CA MET B 231 16.06 0.17 -26.12
C MET B 231 16.68 -1.21 -26.26
N LEU B 232 15.91 -2.21 -26.68
CA LEU B 232 16.40 -3.58 -26.66
C LEU B 232 17.59 -3.79 -27.56
N PRO B 233 17.66 -3.26 -28.78
CA PRO B 233 18.90 -3.41 -29.57
C PRO B 233 20.11 -2.80 -28.87
N LEU B 234 19.92 -1.72 -28.13
CA LEU B 234 21.05 -1.09 -27.44
C LEU B 234 21.61 -1.99 -26.36
N TYR B 235 20.77 -2.77 -25.70
CA TYR B 235 21.24 -3.68 -24.65
C TYR B 235 22.02 -4.86 -25.23
N SER B 236 21.89 -5.13 -26.53
CA SER B 236 22.67 -6.19 -27.14
C SER B 236 24.16 -5.85 -27.16
N LYS B 237 24.49 -4.58 -27.36
CA LYS B 237 25.87 -4.16 -27.56
C LYS B 237 26.71 -4.43 -26.30
N PRO B 238 28.00 -4.72 -26.48
CA PRO B 238 28.88 -4.82 -25.30
C PRO B 238 28.96 -3.49 -24.58
N LEU B 239 29.01 -3.56 -23.26
CA LEU B 239 29.12 -2.35 -22.44
C LEU B 239 30.50 -1.74 -22.60
N PRO B 240 30.60 -0.45 -22.92
CA PRO B 240 31.93 0.18 -22.95
C PRO B 240 32.63 0.01 -21.61
N THR B 241 33.94 -0.24 -21.68
CA THR B 241 34.72 -0.35 -20.46
C THR B 241 34.90 1.02 -19.82
N ILE B 242 34.74 1.07 -18.50
CA ILE B 242 35.00 2.30 -17.75
C ILE B 242 36.50 2.35 -17.47
N GLU B 243 37.18 3.36 -18.03
CA GLU B 243 38.63 3.28 -18.17
C GLU B 243 39.34 3.28 -16.82
N HIS B 244 39.07 4.29 -16.00
CA HIS B 244 39.87 4.55 -14.80
C HIS B 244 39.17 4.09 -13.52
N VAL B 245 38.51 2.94 -13.58
CA VAL B 245 37.97 2.27 -12.40
C VAL B 245 38.47 0.84 -12.41
N SER B 246 38.27 0.16 -11.28
CA SER B 246 38.77 -1.20 -11.09
C SER B 246 38.17 -2.20 -12.07
N LYS B 247 38.84 -3.34 -12.27
CA LYS B 247 38.22 -4.45 -12.99
C LYS B 247 37.01 -4.98 -12.24
N LYS B 248 37.05 -4.99 -10.90
CA LYS B 248 35.88 -5.38 -10.12
C LYS B 248 34.70 -4.46 -10.43
N ALA B 249 34.94 -3.15 -10.48
CA ALA B 249 33.86 -2.21 -10.79
C ALA B 249 33.29 -2.49 -12.18
N ASN B 250 34.16 -2.69 -13.17
CA ASN B 250 33.69 -2.96 -14.52
C ASN B 250 32.89 -4.26 -14.56
N ASP B 251 33.36 -5.29 -13.85
CA ASP B 251 32.59 -6.54 -13.80
C ASP B 251 31.23 -6.31 -13.17
N PHE B 252 31.14 -5.41 -12.19
CA PHE B 252 29.87 -5.17 -11.51
C PHE B 252 28.84 -4.63 -12.48
N VAL B 253 29.18 -3.53 -13.17
CA VAL B 253 28.21 -2.92 -14.07
C VAL B 253 27.90 -3.84 -15.25
N ARG B 254 28.88 -4.62 -15.69
CA ARG B 254 28.64 -5.55 -16.79
C ARG B 254 27.56 -6.57 -16.39
N ARG B 255 27.63 -7.08 -15.17
CA ARG B 255 26.67 -8.10 -14.74
C ARG B 255 25.37 -7.50 -14.25
N MET B 256 25.39 -6.25 -13.75
CA MET B 256 24.14 -5.60 -13.40
C MET B 256 23.26 -5.39 -14.63
N LEU B 257 23.87 -5.20 -15.79
CA LEU B 257 23.16 -4.81 -17.00
C LEU B 257 23.20 -5.88 -18.09
N ALA B 258 23.50 -7.13 -17.73
CA ALA B 258 23.46 -8.20 -18.71
C ALA B 258 22.05 -8.35 -19.27
N LEU B 259 21.93 -8.43 -20.60
CA LEU B 259 20.63 -8.56 -21.21
C LEU B 259 19.93 -9.85 -20.78
N ASP B 260 20.67 -10.96 -20.81
CA ASP B 260 20.14 -12.24 -20.33
C ASP B 260 20.06 -12.22 -18.81
N ILE B 261 18.84 -12.32 -18.27
CA ILE B 261 18.67 -12.19 -16.83
C ILE B 261 19.36 -13.32 -16.07
N ASN B 262 19.59 -14.47 -16.71
CA ASN B 262 20.34 -15.53 -16.07
C ASN B 262 21.82 -15.16 -15.90
N SER B 263 22.32 -14.23 -16.71
CA SER B 263 23.68 -13.72 -16.59
C SER B 263 23.75 -12.46 -15.75
N ARG B 264 22.63 -12.03 -15.18
CA ARG B 264 22.51 -10.73 -14.54
C ARG B 264 22.42 -10.88 -13.03
N LEU B 265 22.91 -9.86 -12.31
CA LEU B 265 22.64 -9.72 -10.88
C LEU B 265 21.24 -9.13 -10.76
N SER B 266 20.24 -9.99 -10.56
CA SER B 266 18.84 -9.58 -10.57
C SER B 266 18.16 -9.73 -9.22
N THR B 267 18.91 -10.07 -8.17
CA THR B 267 18.36 -10.18 -6.82
C THR B 267 19.31 -9.49 -5.84
N TYR B 268 18.75 -9.08 -4.70
CA TYR B 268 19.57 -8.44 -3.67
C TYR B 268 20.74 -9.32 -3.27
N ASP B 269 20.46 -10.59 -2.95
CA ASP B 269 21.53 -11.48 -2.50
C ASP B 269 22.61 -11.62 -3.55
N GLU B 270 22.23 -11.71 -4.82
CA GLU B 270 23.22 -11.75 -5.90
C GLU B 270 24.02 -10.45 -5.93
N ILE B 271 23.33 -9.32 -5.89
CA ILE B 271 23.99 -8.02 -6.04
C ILE B 271 24.97 -7.79 -4.89
N ILE B 272 24.49 -7.94 -3.66
CA ILE B 272 25.27 -7.54 -2.49
C ILE B 272 26.48 -8.45 -2.26
N LYS B 273 26.53 -9.60 -2.92
CA LYS B 273 27.65 -10.52 -2.75
C LYS B 273 28.72 -10.36 -3.81
N HIS B 274 28.60 -9.39 -4.72
CA HIS B 274 29.59 -9.22 -5.77
C HIS B 274 30.87 -8.64 -5.18
N PRO B 275 32.05 -9.10 -5.65
CA PRO B 275 33.30 -8.58 -5.08
C PRO B 275 33.34 -7.07 -4.98
N PHE B 276 32.81 -6.38 -5.99
CA PHE B 276 32.87 -4.92 -5.98
C PHE B 276 32.19 -4.33 -4.75
N LEU B 277 31.14 -4.99 -4.25
CA LEU B 277 30.39 -4.48 -3.11
C LEU B 277 30.78 -5.14 -1.79
N CYS B 278 31.80 -5.99 -1.80
CA CYS B 278 32.20 -6.70 -0.59
C CYS B 278 33.33 -5.98 0.15
#